data_4YLE
#
_entry.id   4YLE
#
_cell.length_a   32.966
_cell.length_b   69.267
_cell.length_c   115.060
_cell.angle_alpha   90.000
_cell.angle_beta   90.000
_cell.angle_gamma   90.000
#
_symmetry.space_group_name_H-M   'P 21 21 21'
#
loop_
_entity.id
_entity.type
_entity.pdbx_description
1 polymer 'Periplasmic binding protein/LacI transcriptional regulator'
2 non-polymer 'UNKNOWN LIGAND'
3 water water
#
_entity_poly.entity_id   1
_entity_poly.type   'polypeptide(L)'
_entity_poly.pdbx_seq_one_letter_code
;(MSE)NVRFRRRFLTAALAAVAVAAAPAVHAQAAGKPKVALV(MSE)KSLANEFFLT(MSE)ENGAKEYQKHNASQFDLI
TNGIKDETDTANQIRIVEQ(MSE)IVSKVDAIVLAPADSKALVPVVKKAVDAGIIVVNIDNRLDPDVLKSKNLNVPFVGP
DNRKGARKVGDYLAKKLKAGDQVGIVEGVSTTTNAQQRTAGFQDA(MSE)KAGG(MSE)KVVSVQSGEWEIDKGNAVASA
(MSE)LNEYPNLKALLCGNDN(MSE)AIGAVSAVRAAGKQGKVYVVGYDNINAIKP(MSE)LKDGRVLATADQYAAKQAV
FGIDTALKAIAEHRKQAELSGVVETPVDLVTK
;
_entity_poly.pdbx_strand_id   A
#
loop_
_chem_comp.id
_chem_comp.type
_chem_comp.name
_chem_comp.formula
UNL non-polymer 'UNKNOWN LIGAND' ?
#
# COMPACT_ATOMS: atom_id res chain seq x y z
N ALA A 30 35.06 -5.04 10.59
CA ALA A 30 34.45 -4.34 9.46
C ALA A 30 33.05 -3.81 9.81
N GLY A 31 32.76 -2.58 9.44
CA GLY A 31 31.52 -1.93 9.86
C GLY A 31 30.26 -2.52 9.25
N LYS A 32 29.17 -2.47 10.01
CA LYS A 32 27.83 -2.85 9.53
C LYS A 32 27.23 -1.80 8.59
N PRO A 33 26.59 -2.22 7.50
CA PRO A 33 25.82 -1.23 6.76
C PRO A 33 24.67 -0.67 7.59
N LYS A 34 24.34 0.59 7.37
CA LYS A 34 23.19 1.22 8.03
C LYS A 34 22.09 1.42 6.99
N VAL A 35 20.93 0.84 7.27
CA VAL A 35 19.80 0.85 6.33
C VAL A 35 18.65 1.66 6.90
N ALA A 36 18.09 2.55 6.09
CA ALA A 36 16.92 3.34 6.46
C ALA A 36 15.69 2.76 5.81
N LEU A 37 14.65 2.53 6.61
CA LEU A 37 13.31 2.10 6.11
C LEU A 37 12.37 3.26 6.26
N VAL A 38 11.90 3.78 5.14
CA VAL A 38 11.08 5.00 5.11
C VAL A 38 9.67 4.64 4.65
N MSE A 39 8.71 4.78 5.56
CA MSE A 39 7.37 4.28 5.36
C MSE A 39 6.38 5.42 5.21
O MSE A 39 6.76 6.55 5.20
CB MSE A 39 6.97 3.39 6.53
CG MSE A 39 7.89 2.19 6.63
SE MSE A 39 7.48 1.06 8.19
CE MSE A 39 8.35 2.22 9.51
H MSE A 39 8.82 5.18 6.32
HA MSE A 39 7.34 3.73 4.55
HB2 MSE A 39 7.05 3.90 7.35
HB3 MSE A 39 6.07 3.07 6.41
HG2 MSE A 39 7.79 1.64 5.83
HG3 MSE A 39 8.81 2.49 6.71
HE1 MSE A 39 8.25 1.83 10.40
HE2 MSE A 39 9.29 2.31 9.29
HE3 MSE A 39 7.92 3.10 9.50
N LYS A 40 5.11 5.08 5.08
CA LYS A 40 4.08 6.10 5.03
C LYS A 40 3.49 6.21 6.43
N SER A 41 2.18 6.15 6.54
CA SER A 41 1.55 6.57 7.76
C SER A 41 1.70 5.66 8.94
N LEU A 42 2.23 6.24 10.00
CA LEU A 42 2.40 5.56 11.26
C LEU A 42 1.07 5.30 11.96
N ALA A 43 0.02 5.96 11.52
CA ALA A 43 -1.29 5.69 12.08
C ALA A 43 -1.74 4.27 11.64
N ASN A 44 -1.29 3.87 10.45
CA ASN A 44 -1.84 2.73 9.69
C ASN A 44 -1.21 1.44 10.18
N GLU A 45 -2.00 0.52 10.69
CA GLU A 45 -1.41 -0.72 11.18
C GLU A 45 -0.57 -1.47 10.15
N PHE A 46 -0.90 -1.32 8.88
CA PHE A 46 -0.09 -1.92 7.83
C PHE A 46 1.39 -1.60 8.03
N PHE A 47 1.69 -0.33 8.30
CA PHE A 47 3.08 0.05 8.45
C PHE A 47 3.64 -0.29 9.81
N LEU A 48 2.78 -0.30 10.83
CA LEU A 48 3.26 -0.74 12.13
C LEU A 48 3.66 -2.21 12.06
N THR A 49 2.88 -3.01 11.32
CA THR A 49 3.19 -4.42 11.08
C THR A 49 4.49 -4.56 10.29
N MSE A 50 4.64 -3.72 9.28
CA MSE A 50 5.85 -3.69 8.49
C MSE A 50 7.05 -3.37 9.36
O MSE A 50 8.07 -4.06 9.29
CB MSE A 50 5.75 -2.65 7.36
CG MSE A 50 6.95 -2.61 6.48
SE MSE A 50 6.89 -1.20 5.14
CE MSE A 50 5.62 -2.08 3.99
H MSE A 50 4.04 -3.15 9.03
HA MSE A 50 5.98 -4.56 8.08
HB2 MSE A 50 4.97 -2.85 6.82
HB3 MSE A 50 5.64 -1.77 7.77
HG2 MSE A 50 7.74 -2.47 7.02
HG3 MSE A 50 7.02 -3.46 6.02
HE1 MSE A 50 5.45 -1.51 3.22
HE2 MSE A 50 5.99 -2.93 3.69
HE3 MSE A 50 4.80 -2.23 4.48
N GLU A 51 6.93 -2.30 10.16
CA GLU A 51 8.02 -1.86 11.05
C GLU A 51 8.42 -2.94 12.01
N ASN A 52 7.42 -3.61 12.61
CA ASN A 52 7.73 -4.66 13.57
C ASN A 52 8.51 -5.77 12.90
N GLY A 53 8.10 -6.14 11.70
CA GLY A 53 8.79 -7.17 10.92
C GLY A 53 10.24 -6.83 10.64
N ALA A 54 10.48 -5.61 10.21
CA ALA A 54 11.82 -5.14 9.91
C ALA A 54 12.68 -5.17 11.17
N LYS A 55 12.12 -4.67 12.27
CA LYS A 55 12.87 -4.60 13.51
C LYS A 55 13.20 -6.00 14.02
N GLU A 56 12.26 -6.92 13.91
CA GLU A 56 12.52 -8.29 14.31
C GLU A 56 13.60 -8.92 13.46
N TYR A 57 13.58 -8.61 12.18
CA TYR A 57 14.61 -9.07 11.26
C TYR A 57 15.99 -8.53 11.64
N GLN A 58 16.07 -7.23 11.95
CA GLN A 58 17.32 -6.68 12.38
C GLN A 58 17.80 -7.32 13.67
N LYS A 59 16.90 -7.58 14.60
CA LYS A 59 17.30 -8.16 15.88
C LYS A 59 17.92 -9.55 15.67
N HIS A 60 17.34 -10.36 14.80
CA HIS A 60 17.84 -11.69 14.53
C HIS A 60 19.19 -11.66 13.81
N ASN A 61 19.45 -10.55 13.13
CA ASN A 61 20.62 -10.35 12.30
C ASN A 61 21.38 -9.12 12.73
N ALA A 62 21.44 -8.90 14.06
CA ALA A 62 21.93 -7.65 14.62
C ALA A 62 23.36 -7.31 14.26
N SER A 63 24.13 -8.30 13.81
CA SER A 63 25.54 -8.06 13.52
C SER A 63 25.74 -7.78 12.03
N GLN A 64 24.67 -7.98 11.24
CA GLN A 64 24.72 -7.84 9.78
C GLN A 64 24.45 -6.42 9.31
N PHE A 65 23.58 -5.72 10.01
CA PHE A 65 23.21 -4.36 9.64
C PHE A 65 22.55 -3.63 10.79
N ASP A 66 22.57 -2.30 10.74
CA ASP A 66 21.79 -1.45 11.63
C ASP A 66 20.60 -0.91 10.84
N LEU A 67 19.51 -0.60 11.53
CA LEU A 67 18.24 -0.24 10.87
C LEU A 67 17.69 1.02 11.48
N ILE A 68 17.34 1.99 10.63
CA ILE A 68 16.66 3.22 11.09
C ILE A 68 15.30 3.24 10.44
N THR A 69 14.22 3.27 11.23
CA THR A 69 12.86 3.26 10.66
C THR A 69 12.21 4.62 10.86
N ASN A 70 11.41 5.04 9.89
CA ASN A 70 10.69 6.30 9.98
C ASN A 70 9.44 6.23 9.17
N GLY A 71 8.44 6.99 9.60
CA GLY A 71 7.17 7.08 8.90
C GLY A 71 6.71 8.51 9.00
N ILE A 72 5.54 8.78 8.43
CA ILE A 72 4.97 10.11 8.39
C ILE A 72 3.65 10.11 9.15
N LYS A 73 3.12 11.29 9.39
CA LYS A 73 2.03 11.47 10.35
C LYS A 73 0.68 11.13 9.79
N ASP A 74 0.59 11.07 8.46
CA ASP A 74 -0.62 10.61 7.76
C ASP A 74 -0.24 10.14 6.35
N GLU A 75 -1.22 9.67 5.58
CA GLU A 75 -0.92 9.00 4.33
C GLU A 75 -0.61 9.95 3.19
N THR A 76 -0.80 11.24 3.42
CA THR A 76 -0.65 12.21 2.34
C THR A 76 0.46 13.20 2.62
N ASP A 77 1.28 12.95 3.63
CA ASP A 77 2.32 13.92 3.99
C ASP A 77 3.58 13.64 3.19
N THR A 78 3.44 13.77 1.88
CA THR A 78 4.55 13.66 0.94
C THR A 78 5.71 14.57 1.33
N ALA A 79 5.40 15.83 1.67
CA ALA A 79 6.46 16.81 1.98
C ALA A 79 7.42 16.28 3.08
N ASN A 80 6.83 15.78 4.16
CA ASN A 80 7.62 15.26 5.26
C ASN A 80 8.35 13.97 4.89
N GLN A 81 7.77 13.15 4.03
CA GLN A 81 8.47 11.93 3.65
C GLN A 81 9.73 12.35 2.93
N ILE A 82 9.62 13.36 2.06
CA ILE A 82 10.78 13.83 1.33
C ILE A 82 11.82 14.33 2.32
N ARG A 83 11.38 15.01 3.37
CA ARG A 83 12.29 15.54 4.37
C ARG A 83 13.02 14.40 5.06
N ILE A 84 12.31 13.31 5.34
CA ILE A 84 12.92 12.18 6.00
C ILE A 84 14.04 11.61 5.14
N VAL A 85 13.78 11.45 3.85
CA VAL A 85 14.79 10.90 2.96
C VAL A 85 16.01 11.85 2.90
N GLU A 86 15.78 13.15 2.80
CA GLU A 86 16.89 14.11 2.83
C GLU A 86 17.72 13.98 4.12
N GLN A 87 17.04 13.76 5.24
CA GLN A 87 17.70 13.58 6.53
C GLN A 87 18.49 12.27 6.56
N MSE A 88 18.01 11.27 5.82
CA MSE A 88 18.73 10.00 5.70
C MSE A 88 19.98 10.18 4.85
O MSE A 88 20.98 9.50 5.05
CB MSE A 88 17.82 8.91 5.09
CG MSE A 88 16.68 8.47 6.01
SE MSE A 88 17.24 7.86 7.79
CE MSE A 88 16.77 9.44 8.86
H MSE A 88 17.27 11.30 5.39
HA MSE A 88 18.99 9.70 6.58
HB2 MSE A 88 17.43 9.25 4.28
HB3 MSE A 88 18.37 8.13 4.90
HG2 MSE A 88 16.08 9.21 6.13
HG3 MSE A 88 16.22 7.73 5.58
HE1 MSE A 88 17.00 9.26 9.79
HE2 MSE A 88 17.27 10.20 8.53
HE3 MSE A 88 15.82 9.60 8.79
N ILE A 89 19.93 11.10 3.89
CA ILE A 89 21.09 11.34 3.01
C ILE A 89 22.20 12.04 3.79
N VAL A 90 21.84 12.90 4.74
CA VAL A 90 22.86 13.59 5.52
C VAL A 90 23.51 12.64 6.52
N SER A 91 22.73 11.73 7.09
CA SER A 91 23.27 10.75 8.03
C SER A 91 24.14 9.69 7.34
N LYS A 92 24.30 9.81 6.02
CA LYS A 92 25.14 8.89 5.25
C LYS A 92 24.78 7.42 5.50
N VAL A 93 23.48 7.10 5.51
CA VAL A 93 23.09 5.70 5.52
C VAL A 93 23.63 5.07 4.24
N ASP A 94 23.74 3.75 4.22
CA ASP A 94 24.24 3.00 3.08
C ASP A 94 23.17 2.56 2.12
N ALA A 95 21.95 2.44 2.62
CA ALA A 95 20.84 2.08 1.78
C ALA A 95 19.57 2.69 2.34
N ILE A 96 18.61 2.93 1.44
CA ILE A 96 17.29 3.41 1.79
C ILE A 96 16.26 2.53 1.14
N VAL A 97 15.34 2.02 1.95
CA VAL A 97 14.24 1.20 1.50
C VAL A 97 12.99 2.05 1.66
N LEU A 98 12.39 2.44 0.55
CA LEU A 98 11.38 3.48 0.56
C LEU A 98 10.03 2.95 0.07
N ALA A 99 8.98 3.18 0.87
CA ALA A 99 7.56 3.01 0.46
C ALA A 99 6.97 4.40 0.17
N PRO A 100 6.99 4.84 -1.10
CA PRO A 100 6.77 6.28 -1.35
C PRO A 100 5.32 6.71 -1.24
N ALA A 101 5.10 7.89 -0.66
CA ALA A 101 3.75 8.42 -0.45
C ALA A 101 3.12 8.92 -1.75
N ASP A 102 3.98 9.20 -2.74
CA ASP A 102 3.61 9.71 -4.05
C ASP A 102 4.53 9.06 -5.08
N SER A 103 3.99 8.47 -6.14
CA SER A 103 4.82 7.72 -7.10
C SER A 103 5.71 8.61 -8.00
N LYS A 104 5.35 9.88 -8.11
CA LYS A 104 6.17 10.83 -8.88
C LYS A 104 7.01 11.75 -8.00
N ALA A 105 6.40 12.23 -6.91
CA ALA A 105 6.99 13.32 -6.16
C ALA A 105 8.22 12.93 -5.36
N LEU A 106 8.36 11.64 -5.04
CA LEU A 106 9.54 11.18 -4.31
C LEU A 106 10.73 10.94 -5.24
N VAL A 107 10.55 11.04 -6.55
CA VAL A 107 11.65 10.63 -7.43
C VAL A 107 12.85 11.55 -7.33
N PRO A 108 12.63 12.88 -7.20
CA PRO A 108 13.81 13.75 -7.15
C PRO A 108 14.77 13.44 -5.98
N VAL A 109 14.23 13.15 -4.81
CA VAL A 109 15.07 12.94 -3.66
C VAL A 109 15.69 11.54 -3.73
N VAL A 110 15.01 10.59 -4.37
CA VAL A 110 15.64 9.30 -4.65
C VAL A 110 16.86 9.52 -5.53
N LYS A 111 16.70 10.31 -6.58
CA LYS A 111 17.85 10.64 -7.45
C LYS A 111 19.00 11.22 -6.61
N LYS A 112 18.67 12.17 -5.75
CA LYS A 112 19.63 12.78 -4.82
C LYS A 112 20.38 11.72 -4.03
N ALA A 113 19.64 10.77 -3.48
CA ALA A 113 20.22 9.69 -2.71
C ALA A 113 21.13 8.83 -3.57
N VAL A 114 20.69 8.49 -4.77
CA VAL A 114 21.45 7.58 -5.60
C VAL A 114 22.74 8.25 -6.05
N ASP A 115 22.65 9.52 -6.42
CA ASP A 115 23.82 10.28 -6.83
C ASP A 115 24.83 10.43 -5.67
N ALA A 116 24.36 10.26 -4.44
CA ALA A 116 25.23 10.35 -3.26
C ALA A 116 25.77 8.98 -2.85
N GLY A 117 25.56 7.99 -3.71
CA GLY A 117 26.16 6.69 -3.51
C GLY A 117 25.35 5.75 -2.63
N ILE A 118 24.13 6.14 -2.30
CA ILE A 118 23.25 5.30 -1.49
C ILE A 118 22.48 4.34 -2.39
N ILE A 119 22.32 3.10 -1.95
CA ILE A 119 21.51 2.14 -2.67
C ILE A 119 20.07 2.41 -2.26
N VAL A 120 19.18 2.58 -3.22
CA VAL A 120 17.75 2.73 -2.93
C VAL A 120 16.97 1.58 -3.52
N VAL A 121 16.10 1.00 -2.69
CA VAL A 121 15.17 -0.03 -3.07
C VAL A 121 13.79 0.50 -2.79
N ASN A 122 12.91 0.27 -3.75
CA ASN A 122 11.53 0.74 -3.76
C ASN A 122 10.67 -0.42 -3.30
N ILE A 123 9.85 -0.22 -2.28
CA ILE A 123 8.84 -1.22 -1.94
C ILE A 123 7.42 -0.67 -1.93
N ASP A 124 6.43 -1.58 -1.95
CA ASP A 124 5.01 -1.30 -1.71
C ASP A 124 4.35 -0.60 -2.89
N ASN A 125 4.70 0.66 -3.07
CA ASN A 125 4.11 1.48 -4.12
C ASN A 125 5.19 1.88 -5.10
N ARG A 126 5.03 1.47 -6.34
CA ARG A 126 6.09 1.65 -7.30
C ARG A 126 6.20 3.09 -7.76
N LEU A 127 7.43 3.60 -7.74
CA LEU A 127 7.76 4.90 -8.33
C LEU A 127 7.43 4.89 -9.80
N ASP A 128 7.09 6.06 -10.33
CA ASP A 128 6.62 6.12 -11.70
C ASP A 128 7.80 5.81 -12.65
N PRO A 129 7.63 4.80 -13.51
CA PRO A 129 8.74 4.35 -14.36
C PRO A 129 9.17 5.41 -15.37
N ASP A 130 8.21 6.20 -15.84
CA ASP A 130 8.51 7.21 -16.85
C ASP A 130 9.33 8.33 -16.21
N VAL A 131 8.93 8.73 -15.02
CA VAL A 131 9.66 9.74 -14.29
C VAL A 131 11.06 9.22 -13.96
N LEU A 132 11.17 7.93 -13.61
CA LEU A 132 12.49 7.34 -13.38
C LEU A 132 13.32 7.33 -14.67
N LYS A 133 12.72 6.85 -15.75
CA LYS A 133 13.42 6.73 -17.05
C LYS A 133 13.97 8.06 -17.52
N SER A 134 13.37 9.14 -17.02
CA SER A 134 13.66 10.46 -17.52
C SER A 134 14.71 11.17 -16.67
N LYS A 135 15.15 10.50 -15.61
CA LYS A 135 16.31 10.93 -14.85
C LYS A 135 17.41 9.89 -14.93
N ASN A 136 17.25 8.97 -15.87
CA ASN A 136 18.23 7.92 -16.11
C ASN A 136 18.46 7.05 -14.89
N LEU A 137 17.37 6.79 -14.16
CA LEU A 137 17.46 6.23 -12.82
C LEU A 137 16.89 4.83 -12.74
N ASN A 138 17.69 3.91 -12.20
CA ASN A 138 17.24 2.54 -11.97
C ASN A 138 17.00 2.32 -10.50
N VAL A 139 15.78 1.89 -10.17
CA VAL A 139 15.41 1.56 -8.79
C VAL A 139 14.71 0.20 -8.77
N PRO A 140 15.37 -0.82 -8.18
CA PRO A 140 14.67 -2.10 -8.04
C PRO A 140 13.41 -2.00 -7.21
N PHE A 141 12.40 -2.79 -7.57
CA PHE A 141 11.12 -2.79 -6.87
C PHE A 141 10.89 -4.14 -6.23
N VAL A 142 10.46 -4.10 -4.97
CA VAL A 142 9.94 -5.25 -4.24
C VAL A 142 8.52 -4.94 -3.78
N GLY A 143 7.56 -5.67 -4.32
CA GLY A 143 6.20 -5.53 -3.87
C GLY A 143 5.27 -6.35 -4.74
N PRO A 144 3.97 -6.22 -4.45
CA PRO A 144 2.94 -7.03 -5.10
C PRO A 144 2.40 -6.47 -6.40
N ASP A 145 1.75 -7.36 -7.12
CA ASP A 145 0.96 -6.98 -8.27
C ASP A 145 -0.42 -6.63 -7.72
N ASN A 146 -0.70 -5.35 -7.55
CA ASN A 146 -1.92 -4.94 -6.89
C ASN A 146 -3.16 -5.12 -7.77
N ARG A 147 -2.98 -5.29 -9.07
CA ARG A 147 -4.14 -5.50 -9.95
C ARG A 147 -4.63 -6.92 -9.75
N LYS A 148 -3.70 -7.88 -9.77
CA LYS A 148 -4.06 -9.26 -9.45
C LYS A 148 -4.59 -9.40 -8.03
N GLY A 149 -3.98 -8.68 -7.07
CA GLY A 149 -4.41 -8.74 -5.69
C GLY A 149 -5.84 -8.27 -5.54
N ALA A 150 -6.14 -7.07 -6.03
CA ALA A 150 -7.49 -6.53 -5.97
C ALA A 150 -8.48 -7.41 -6.73
N ARG A 151 -8.02 -8.04 -7.81
CA ARG A 151 -8.88 -8.92 -8.61
C ARG A 151 -9.33 -10.12 -7.78
N LYS A 152 -8.41 -10.68 -6.97
CA LYS A 152 -8.79 -11.76 -6.06
C LYS A 152 -9.95 -11.34 -5.15
N VAL A 153 -9.81 -10.17 -4.52
CA VAL A 153 -10.80 -9.66 -3.58
C VAL A 153 -12.11 -9.39 -4.33
N GLY A 154 -12.01 -8.68 -5.45
CA GLY A 154 -13.17 -8.42 -6.29
C GLY A 154 -13.91 -9.69 -6.74
N ASP A 155 -13.16 -10.72 -7.11
CA ASP A 155 -13.76 -11.99 -7.55
C ASP A 155 -14.58 -12.65 -6.45
N TYR A 156 -14.07 -12.64 -5.22
CA TYR A 156 -14.83 -13.22 -4.13
C TYR A 156 -16.16 -12.48 -3.92
N LEU A 157 -16.10 -11.15 -3.91
CA LEU A 157 -17.30 -10.34 -3.85
C LEU A 157 -18.25 -10.65 -4.98
N ALA A 158 -17.75 -10.78 -6.19
CA ALA A 158 -18.62 -11.03 -7.36
C ALA A 158 -19.48 -12.27 -7.16
N LYS A 159 -18.95 -13.28 -6.47
CA LYS A 159 -19.70 -14.51 -6.25
C LYS A 159 -20.97 -14.25 -5.43
N LYS A 160 -20.92 -13.19 -4.62
CA LYS A 160 -21.98 -12.87 -3.67
C LYS A 160 -22.99 -11.90 -4.25
N LEU A 161 -22.61 -11.26 -5.36
CA LEU A 161 -23.44 -10.29 -6.05
C LEU A 161 -24.06 -10.93 -7.25
N LYS A 162 -24.74 -10.10 -8.04
CA LYS A 162 -25.30 -10.57 -9.29
C LYS A 162 -25.14 -9.51 -10.36
N ALA A 163 -25.25 -9.96 -11.60
CA ALA A 163 -25.20 -9.08 -12.76
C ALA A 163 -26.12 -7.89 -12.59
N GLY A 164 -25.62 -6.72 -12.99
CA GLY A 164 -26.37 -5.48 -12.89
C GLY A 164 -26.29 -4.77 -11.54
N ASP A 165 -25.76 -5.45 -10.52
CA ASP A 165 -25.63 -4.81 -9.21
C ASP A 165 -24.70 -3.60 -9.26
N GLN A 166 -25.14 -2.50 -8.67
CA GLN A 166 -24.36 -1.27 -8.54
C GLN A 166 -23.33 -1.36 -7.41
N VAL A 167 -22.09 -0.98 -7.69
CA VAL A 167 -21.07 -0.91 -6.65
C VAL A 167 -20.25 0.38 -6.78
N GLY A 168 -19.61 0.77 -5.69
CA GLY A 168 -18.69 1.90 -5.67
C GLY A 168 -17.32 1.45 -5.27
N ILE A 169 -16.31 2.12 -5.83
CA ILE A 169 -14.91 1.88 -5.47
C ILE A 169 -14.36 3.07 -4.71
N VAL A 170 -13.88 2.80 -3.50
CA VAL A 170 -13.22 3.78 -2.66
C VAL A 170 -11.70 3.57 -2.84
N GLU A 171 -11.06 4.52 -3.52
CA GLU A 171 -9.71 4.41 -4.00
C GLU A 171 -8.69 5.04 -3.07
N GLY A 172 -7.46 4.56 -3.12
CA GLY A 172 -6.37 5.22 -2.39
C GLY A 172 -5.99 6.57 -3.02
N VAL A 173 -4.87 7.12 -2.57
CA VAL A 173 -4.32 8.37 -3.16
C VAL A 173 -4.14 8.16 -4.67
N SER A 174 -4.86 8.95 -5.47
CA SER A 174 -4.97 8.68 -6.91
C SER A 174 -3.67 8.81 -7.72
N THR A 175 -2.66 9.42 -7.14
CA THR A 175 -1.36 9.57 -7.81
C THR A 175 -0.38 8.48 -7.39
N THR A 176 -0.91 7.37 -6.86
CA THR A 176 -0.03 6.25 -6.55
C THR A 176 -0.35 5.10 -7.45
N THR A 177 0.71 4.42 -7.87
CA THR A 177 0.55 3.23 -8.66
C THR A 177 -0.31 2.21 -7.95
N ASN A 178 -0.12 2.01 -6.64
CA ASN A 178 -0.83 0.91 -6.03
C ASN A 178 -2.33 1.23 -5.91
N ALA A 179 -2.67 2.49 -5.71
CA ALA A 179 -4.08 2.89 -5.70
C ALA A 179 -4.73 2.63 -7.06
N GLN A 180 -4.06 3.05 -8.13
CA GLN A 180 -4.58 2.87 -9.47
C GLN A 180 -4.75 1.44 -9.84
N GLN A 181 -3.79 0.61 -9.46
CA GLN A 181 -3.83 -0.79 -9.86
C GLN A 181 -4.88 -1.55 -9.05
N ARG A 182 -5.13 -1.17 -7.80
CA ARG A 182 -6.20 -1.81 -7.06
C ARG A 182 -7.54 -1.45 -7.65
N THR A 183 -7.71 -0.18 -7.98
CA THR A 183 -8.96 0.19 -8.61
C THR A 183 -9.16 -0.60 -9.92
N ALA A 184 -8.10 -0.75 -10.71
CA ALA A 184 -8.21 -1.49 -11.95
C ALA A 184 -8.58 -2.96 -11.72
N GLY A 185 -7.93 -3.61 -10.74
CA GLY A 185 -8.28 -4.99 -10.39
C GLY A 185 -9.73 -5.14 -9.95
N PHE A 186 -10.19 -4.18 -9.14
CA PHE A 186 -11.57 -4.17 -8.70
C PHE A 186 -12.50 -4.02 -9.91
N GLN A 187 -12.18 -3.09 -10.80
CA GLN A 187 -12.99 -2.90 -12.01
C GLN A 187 -13.01 -4.19 -12.85
N ASP A 188 -11.86 -4.87 -12.98
CA ASP A 188 -11.78 -6.10 -13.75
C ASP A 188 -12.75 -7.13 -13.22
N ALA A 189 -12.77 -7.26 -11.90
CA ALA A 189 -13.63 -8.25 -11.24
C ALA A 189 -15.11 -7.94 -11.48
N MSE A 190 -15.47 -6.67 -11.32
CA MSE A 190 -16.85 -6.26 -11.49
C MSE A 190 -17.33 -6.43 -12.94
O MSE A 190 -18.43 -6.94 -13.16
CB MSE A 190 -17.02 -4.81 -11.05
CG MSE A 190 -16.77 -4.63 -9.53
SE MSE A 190 -17.97 -5.74 -8.39
CE MSE A 190 -16.78 -7.31 -8.14
H MSE A 190 -14.94 -6.04 -11.10
HA MSE A 190 -17.41 -6.80 -10.92
HB2 MSE A 190 -16.38 -4.26 -11.52
HB3 MSE A 190 -17.92 -4.52 -11.24
HG2 MSE A 190 -15.87 -4.88 -9.32
HG3 MSE A 190 -16.93 -3.70 -9.29
HE1 MSE A 190 -17.23 -7.96 -7.58
HE2 MSE A 190 -16.57 -7.70 -9.00
HE3 MSE A 190 -15.96 -7.02 -7.70
N LYS A 191 -16.49 -6.05 -13.90
CA LYS A 191 -16.77 -6.30 -15.33
C LYS A 191 -17.03 -7.78 -15.64
N ALA A 192 -16.14 -8.63 -15.14
CA ALA A 192 -16.17 -10.05 -15.43
C ALA A 192 -17.43 -10.72 -14.86
N GLY A 193 -17.97 -10.09 -13.82
CA GLY A 193 -19.14 -10.62 -13.12
C GLY A 193 -20.44 -10.02 -13.60
N GLY A 194 -20.36 -8.94 -14.38
CA GLY A 194 -21.54 -8.24 -14.83
C GLY A 194 -22.06 -7.15 -13.90
N MSE A 195 -21.30 -6.77 -12.86
CA MSE A 195 -21.71 -5.68 -11.98
C MSE A 195 -21.39 -4.36 -12.63
O MSE A 195 -20.61 -4.30 -13.57
CB MSE A 195 -21.03 -5.73 -10.59
CG MSE A 195 -21.44 -6.90 -9.71
SE MSE A 195 -20.25 -8.46 -9.92
CE MSE A 195 -21.67 -9.80 -10.19
H MSE A 195 -20.55 -7.14 -12.65
HA MSE A 195 -22.67 -5.73 -11.84
HB2 MSE A 195 -20.07 -5.79 -10.73
HB3 MSE A 195 -21.25 -4.91 -10.12
HG2 MSE A 195 -21.41 -6.62 -8.79
HG3 MSE A 195 -22.34 -7.17 -9.95
HE1 MSE A 195 -21.27 -10.67 -10.32
HE2 MSE A 195 -22.25 -9.81 -9.41
HE3 MSE A 195 -22.18 -9.56 -10.98
N LYS A 196 -22.01 -3.30 -12.14
CA LYS A 196 -21.82 -1.96 -12.65
C LYS A 196 -21.16 -1.02 -11.62
N VAL A 197 -19.94 -0.55 -11.93
CA VAL A 197 -19.29 0.41 -11.05
C VAL A 197 -19.86 1.78 -11.31
N VAL A 198 -20.61 2.33 -10.36
CA VAL A 198 -21.27 3.62 -10.58
C VAL A 198 -20.49 4.82 -10.04
N SER A 199 -19.46 4.57 -9.24
CA SER A 199 -18.72 5.68 -8.63
C SER A 199 -17.32 5.22 -8.26
N VAL A 200 -16.32 6.06 -8.54
CA VAL A 200 -14.95 5.82 -8.09
C VAL A 200 -14.46 7.13 -7.52
N GLN A 201 -14.12 7.13 -6.23
CA GLN A 201 -13.67 8.32 -5.52
C GLN A 201 -12.56 7.97 -4.55
N SER A 202 -11.67 8.90 -4.33
CA SER A 202 -10.54 8.65 -3.43
C SER A 202 -10.87 8.98 -1.97
N GLY A 203 -10.58 8.01 -1.11
CA GLY A 203 -10.63 8.20 0.31
C GLY A 203 -9.22 8.41 0.89
N GLU A 204 -8.25 8.61 0.00
CA GLU A 204 -6.87 9.00 0.33
C GLU A 204 -6.18 8.12 1.38
N TRP A 205 -6.61 6.86 1.43
CA TRP A 205 -6.08 5.79 2.28
C TRP A 205 -6.52 5.91 3.72
N GLU A 206 -7.36 6.90 4.03
CA GLU A 206 -7.72 7.23 5.40
C GLU A 206 -9.13 6.77 5.80
N ILE A 207 -9.27 6.46 7.09
CA ILE A 207 -10.55 6.04 7.65
C ILE A 207 -11.60 7.11 7.46
N ASP A 208 -11.31 8.35 7.84
CA ASP A 208 -12.40 9.31 7.85
C ASP A 208 -12.70 9.82 6.43
N LYS A 209 -11.70 10.03 5.59
CA LYS A 209 -12.00 10.37 4.19
C LYS A 209 -12.73 9.18 3.50
N GLY A 210 -12.33 7.94 3.79
CA GLY A 210 -13.03 6.76 3.29
C GLY A 210 -14.50 6.75 3.70
N ASN A 211 -14.73 7.08 4.98
CA ASN A 211 -16.08 7.16 5.52
C ASN A 211 -16.88 8.21 4.79
N ALA A 212 -16.28 9.38 4.55
CA ALA A 212 -17.01 10.46 3.91
C ALA A 212 -17.45 10.06 2.51
N VAL A 213 -16.51 9.49 1.74
CA VAL A 213 -16.80 8.96 0.40
C VAL A 213 -17.85 7.86 0.38
N ALA A 214 -17.72 6.87 1.26
CA ALA A 214 -18.70 5.78 1.34
C ALA A 214 -20.10 6.35 1.62
N SER A 215 -20.16 7.31 2.53
CA SER A 215 -21.44 7.91 2.90
C SER A 215 -22.06 8.65 1.73
N ALA A 216 -21.24 9.36 0.97
CA ALA A 216 -21.72 10.05 -0.21
C ALA A 216 -22.25 9.03 -1.22
N MSE A 217 -21.53 7.92 -1.41
CA MSE A 217 -21.93 6.95 -2.41
C MSE A 217 -23.26 6.27 -2.03
O MSE A 217 -24.11 6.07 -2.88
CB MSE A 217 -20.84 5.88 -2.59
CG MSE A 217 -19.69 6.40 -3.34
SE MSE A 217 -18.33 5.00 -3.36
CE MSE A 217 -17.09 5.99 -4.52
H MSE A 217 -20.81 7.72 -0.97
HA MSE A 217 -22.04 7.41 -3.26
HB2 MSE A 217 -20.53 5.60 -1.72
HB3 MSE A 217 -21.20 5.13 -3.08
HG2 MSE A 217 -19.96 6.60 -4.26
HG3 MSE A 217 -19.34 7.19 -2.90
HE1 MSE A 217 -16.30 5.45 -4.67
HE2 MSE A 217 -17.52 6.17 -5.37
HE3 MSE A 217 -16.84 6.83 -4.09
N LEU A 218 -23.40 5.92 -0.75
CA LEU A 218 -24.65 5.35 -0.26
C LEU A 218 -25.80 6.33 -0.43
N ASN A 219 -25.54 7.61 -0.17
CA ASN A 219 -26.58 8.62 -0.37
C ASN A 219 -26.92 8.77 -1.85
N GLU A 220 -25.90 8.74 -2.71
CA GLU A 220 -26.11 8.95 -4.15
C GLU A 220 -26.84 7.77 -4.79
N TYR A 221 -26.53 6.56 -4.31
CA TYR A 221 -27.04 5.32 -4.86
C TYR A 221 -27.80 4.50 -3.82
N PRO A 222 -29.09 4.74 -3.71
CA PRO A 222 -29.92 3.98 -2.77
C PRO A 222 -29.89 2.47 -3.04
N ASN A 223 -29.57 2.08 -4.26
CA ASN A 223 -29.51 0.67 -4.63
C ASN A 223 -28.09 0.07 -4.62
N LEU A 224 -27.14 0.78 -4.03
CA LEU A 224 -25.78 0.31 -3.96
C LEU A 224 -25.69 -1.03 -3.26
N LYS A 225 -24.90 -1.96 -3.81
CA LYS A 225 -24.80 -3.30 -3.23
C LYS A 225 -23.46 -3.61 -2.58
N ALA A 226 -22.41 -2.83 -2.91
CA ALA A 226 -21.12 -3.08 -2.33
C ALA A 226 -20.21 -1.88 -2.46
N LEU A 227 -19.26 -1.82 -1.54
CA LEU A 227 -18.20 -0.83 -1.55
C LEU A 227 -16.87 -1.56 -1.58
N LEU A 228 -16.08 -1.32 -2.63
CA LEU A 228 -14.81 -2.00 -2.79
C LEU A 228 -13.72 -0.98 -2.43
N CYS A 229 -12.98 -1.25 -1.35
CA CYS A 229 -12.08 -0.26 -0.77
C CYS A 229 -10.64 -0.66 -0.96
N GLY A 230 -9.85 0.32 -1.37
CA GLY A 230 -8.45 0.12 -1.68
C GLY A 230 -7.55 -0.25 -0.49
N ASN A 231 -8.00 0.00 0.73
CA ASN A 231 -7.27 -0.53 1.90
C ASN A 231 -8.25 -0.74 3.06
N ASP A 232 -7.79 -1.44 4.08
CA ASP A 232 -8.63 -1.77 5.20
C ASP A 232 -9.06 -0.54 5.99
N ASN A 233 -8.20 0.46 6.09
CA ASN A 233 -8.57 1.67 6.83
C ASN A 233 -9.78 2.33 6.15
N MSE A 234 -9.76 2.41 4.83
CA MSE A 234 -10.91 2.98 4.15
C MSE A 234 -12.11 2.07 4.31
O MSE A 234 -13.25 2.58 4.43
CB MSE A 234 -10.61 3.24 2.70
CG MSE A 234 -9.74 4.44 2.54
SE MSE A 234 -9.38 4.98 0.73
CE MSE A 234 -8.79 3.26 0.06
H MSE A 234 -9.11 2.15 4.32
HA MSE A 234 -11.11 3.83 4.55
HB2 MSE A 234 -10.13 2.48 2.32
HB3 MSE A 234 -11.43 3.38 2.21
HG2 MSE A 234 -10.17 5.20 2.98
HG3 MSE A 234 -8.88 4.27 2.96
HE1 MSE A 234 -8.56 3.35 -0.88
HE2 MSE A 234 -8.01 2.98 0.56
HE3 MSE A 234 -9.51 2.61 0.17
N ALA A 235 -11.89 0.75 4.34
CA ALA A 235 -12.98 -0.20 4.56
C ALA A 235 -13.60 -0.01 5.94
N ILE A 236 -12.79 0.29 6.97
CA ILE A 236 -13.31 0.57 8.31
C ILE A 236 -14.20 1.79 8.23
N GLY A 237 -13.76 2.81 7.51
CA GLY A 237 -14.61 3.96 7.25
C GLY A 237 -15.91 3.58 6.58
N ALA A 238 -15.82 2.73 5.56
CA ALA A 238 -17.04 2.30 4.82
C ALA A 238 -18.01 1.48 5.69
N VAL A 239 -17.47 0.59 6.54
CA VAL A 239 -18.28 -0.14 7.51
C VAL A 239 -19.08 0.83 8.42
N SER A 240 -18.43 1.89 8.91
CA SER A 240 -19.14 2.91 9.67
C SER A 240 -20.24 3.60 8.87
N ALA A 241 -19.96 3.87 7.60
CA ALA A 241 -20.94 4.57 6.79
C ALA A 241 -22.15 3.68 6.52
N VAL A 242 -21.89 2.40 6.26
CA VAL A 242 -22.95 1.43 6.01
C VAL A 242 -23.84 1.32 7.24
N ARG A 243 -23.23 1.16 8.41
CA ARG A 243 -23.98 1.15 9.69
C ARG A 243 -24.84 2.42 9.86
N ALA A 244 -24.25 3.59 9.60
CA ALA A 244 -24.95 4.84 9.81
C ALA A 244 -26.15 4.99 8.86
N ALA A 245 -26.09 4.31 7.73
CA ALA A 245 -27.19 4.30 6.76
C ALA A 245 -28.20 3.19 7.02
N GLY A 246 -28.01 2.40 8.07
CA GLY A 246 -28.92 1.31 8.37
C GLY A 246 -28.84 0.18 7.35
N LYS A 247 -27.69 0.06 6.70
CA LYS A 247 -27.52 -0.91 5.64
C LYS A 247 -26.61 -2.05 6.03
N GLN A 248 -26.29 -2.19 7.33
CA GLN A 248 -25.48 -3.33 7.78
C GLN A 248 -26.19 -4.59 7.31
N GLY A 249 -25.47 -5.47 6.66
CA GLY A 249 -26.06 -6.71 6.19
C GLY A 249 -26.67 -6.64 4.80
N LYS A 250 -26.70 -5.45 4.19
CA LYS A 250 -27.31 -5.25 2.88
C LYS A 250 -26.32 -4.71 1.84
N VAL A 251 -25.19 -4.20 2.32
CA VAL A 251 -24.16 -3.63 1.46
C VAL A 251 -22.86 -4.28 1.87
N TYR A 252 -22.23 -4.99 0.94
CA TYR A 252 -20.96 -5.63 1.20
C TYR A 252 -19.83 -4.63 1.22
N VAL A 253 -18.84 -4.91 2.06
CA VAL A 253 -17.59 -4.15 2.08
C VAL A 253 -16.39 -5.09 1.93
N VAL A 254 -15.49 -4.78 1.00
CA VAL A 254 -14.20 -5.45 0.93
C VAL A 254 -13.08 -4.44 1.07
N GLY A 255 -11.93 -4.91 1.56
CA GLY A 255 -10.76 -4.07 1.74
C GLY A 255 -9.52 -4.75 1.23
N TYR A 256 -8.41 -4.36 1.82
CA TYR A 256 -7.08 -4.80 1.38
C TYR A 256 -6.11 -4.43 2.49
N ASP A 257 -5.33 -5.41 2.96
CA ASP A 257 -4.18 -5.27 3.90
C ASP A 257 -4.19 -6.35 4.98
N ASN A 258 -5.38 -6.84 5.33
CA ASN A 258 -5.55 -7.76 6.44
C ASN A 258 -4.98 -7.23 7.78
N ILE A 259 -5.32 -5.99 8.14
CA ILE A 259 -4.91 -5.49 9.45
C ILE A 259 -5.73 -6.12 10.58
N ASN A 260 -5.16 -6.17 11.77
CA ASN A 260 -5.86 -6.78 12.90
C ASN A 260 -7.23 -6.19 13.10
N ALA A 261 -7.35 -4.88 12.91
CA ALA A 261 -8.64 -4.24 13.19
C ALA A 261 -9.75 -4.83 12.31
N ILE A 262 -9.37 -5.41 11.17
CA ILE A 262 -10.37 -5.93 10.24
C ILE A 262 -10.84 -7.33 10.62
N LYS A 263 -10.11 -8.01 11.49
CA LYS A 263 -10.43 -9.40 11.79
C LYS A 263 -11.77 -9.60 12.51
N PRO A 264 -12.08 -8.78 13.52
CA PRO A 264 -13.41 -8.96 14.12
C PRO A 264 -14.51 -8.69 13.11
N MSE A 265 -14.23 -7.84 12.13
CA MSE A 265 -15.21 -7.49 11.13
C MSE A 265 -15.42 -8.60 10.10
O MSE A 265 -16.55 -8.81 9.66
CB MSE A 265 -14.81 -6.18 10.46
CG MSE A 265 -14.67 -5.06 11.47
SE MSE A 265 -14.41 -3.35 10.60
CE MSE A 265 -13.88 -2.28 12.17
H MSE A 265 -13.47 -7.45 12.03
HA MSE A 265 -16.06 -7.33 11.57
HB2 MSE A 265 -13.96 -6.29 10.00
HB3 MSE A 265 -15.50 -5.93 9.81
HG2 MSE A 265 -15.48 -5.02 12.00
HG3 MSE A 265 -13.91 -5.24 12.03
HE1 MSE A 265 -13.71 -1.36 11.88
HE2 MSE A 265 -14.60 -2.30 12.82
HE3 MSE A 265 -13.08 -2.66 12.55
N LEU A 266 -14.35 -9.31 9.71
CA LEU A 266 -14.52 -10.53 8.92
C LEU A 266 -15.34 -11.56 9.70
N LYS A 267 -15.06 -11.69 11.00
CA LYS A 267 -15.72 -12.71 11.82
C LYS A 267 -17.20 -12.44 11.99
N ASP A 268 -17.59 -11.18 12.21
CA ASP A 268 -18.99 -10.88 12.45
C ASP A 268 -19.72 -10.41 11.20
N GLY A 269 -19.05 -10.45 10.06
CA GLY A 269 -19.67 -10.19 8.78
C GLY A 269 -19.72 -8.73 8.31
N ARG A 270 -19.15 -7.81 9.07
CA ARG A 270 -19.17 -6.40 8.66
C ARG A 270 -18.34 -6.17 7.40
N VAL A 271 -17.29 -6.97 7.25
CA VAL A 271 -16.41 -6.97 6.07
C VAL A 271 -16.37 -8.38 5.45
N LEU A 272 -16.52 -8.46 4.14
CA LEU A 272 -16.60 -9.73 3.44
C LEU A 272 -15.25 -10.35 3.07
N ALA A 273 -14.29 -9.53 2.70
CA ALA A 273 -12.98 -10.03 2.31
C ALA A 273 -11.96 -8.91 2.37
N THR A 274 -10.71 -9.33 2.52
CA THR A 274 -9.57 -8.43 2.41
C THR A 274 -8.45 -9.24 1.75
N ALA A 275 -7.22 -8.74 1.79
CA ALA A 275 -6.11 -9.47 1.18
C ALA A 275 -4.89 -9.21 2.00
N ASP A 276 -4.04 -10.24 2.13
CA ASP A 276 -2.79 -10.04 2.83
C ASP A 276 -1.71 -9.87 1.77
N GLN A 277 -1.04 -8.72 1.81
CA GLN A 277 0.07 -8.41 0.88
C GLN A 277 1.39 -8.37 1.63
N TYR A 278 1.39 -8.88 2.85
CA TYR A 278 2.63 -9.20 3.55
C TYR A 278 3.59 -8.03 3.69
N ALA A 279 3.19 -7.11 4.54
CA ALA A 279 3.96 -5.91 4.82
C ALA A 279 5.38 -6.18 5.29
N ALA A 280 5.50 -7.09 6.26
CA ALA A 280 6.78 -7.37 6.88
C ALA A 280 7.68 -7.97 5.81
N LYS A 281 7.14 -8.87 4.99
CA LYS A 281 7.91 -9.48 3.91
C LYS A 281 8.47 -8.42 2.96
N GLN A 282 7.64 -7.43 2.60
CA GLN A 282 8.10 -6.42 1.65
C GLN A 282 9.29 -5.67 2.20
N ALA A 283 9.23 -5.30 3.47
CA ALA A 283 10.32 -4.56 4.08
C ALA A 283 11.56 -5.44 4.23
N VAL A 284 11.38 -6.67 4.68
CA VAL A 284 12.52 -7.55 4.87
C VAL A 284 13.20 -7.85 3.52
N PHE A 285 12.41 -8.10 2.49
CA PHE A 285 12.98 -8.47 1.19
C PHE A 285 13.61 -7.20 0.61
N GLY A 286 13.01 -6.04 0.90
CA GLY A 286 13.62 -4.80 0.46
C GLY A 286 14.99 -4.61 1.09
N ILE A 287 15.06 -4.77 2.41
CA ILE A 287 16.32 -4.67 3.14
C ILE A 287 17.33 -5.70 2.59
N ASP A 288 16.90 -6.94 2.40
CA ASP A 288 17.82 -7.98 1.89
C ASP A 288 18.37 -7.61 0.52
N THR A 289 17.50 -7.09 -0.34
CA THR A 289 17.89 -6.66 -1.67
C THR A 289 19.02 -5.63 -1.58
N ALA A 290 18.87 -4.66 -0.67
CA ALA A 290 19.86 -3.62 -0.48
C ALA A 290 21.17 -4.19 0.07
N LEU A 291 21.06 -5.05 1.07
CA LEU A 291 22.25 -5.62 1.69
C LEU A 291 23.01 -6.53 0.71
N LYS A 292 22.29 -7.24 -0.14
CA LYS A 292 22.93 -8.10 -1.13
C LYS A 292 23.73 -7.26 -2.12
N ALA A 293 23.14 -6.14 -2.54
CA ALA A 293 23.81 -5.23 -3.44
C ALA A 293 25.07 -4.71 -2.76
N ILE A 294 24.95 -4.32 -1.50
CA ILE A 294 26.09 -3.77 -0.76
C ILE A 294 27.18 -4.83 -0.57
N ALA A 295 26.76 -6.07 -0.32
CA ALA A 295 27.71 -7.17 -0.11
C ALA A 295 28.60 -7.37 -1.35
N GLU A 296 28.02 -7.11 -2.52
CA GLU A 296 28.70 -7.40 -3.77
C GLU A 296 29.24 -6.10 -4.39
N HIS A 297 29.17 -5.01 -3.63
CA HIS A 297 29.62 -3.69 -4.09
C HIS A 297 29.00 -3.30 -5.43
N ARG A 298 27.72 -3.59 -5.61
CA ARG A 298 27.01 -3.26 -6.84
C ARG A 298 26.68 -1.79 -6.89
N LYS A 299 26.63 -1.25 -8.11
CA LYS A 299 26.17 0.10 -8.34
C LYS A 299 24.67 0.12 -8.57
N GLN A 300 24.03 1.20 -8.14
CA GLN A 300 22.58 1.35 -8.33
C GLN A 300 22.12 0.98 -9.75
N ALA A 301 22.86 1.45 -10.76
CA ALA A 301 22.51 1.21 -12.15
C ALA A 301 22.45 -0.28 -12.48
N GLU A 302 23.13 -1.07 -11.68
CA GLU A 302 23.26 -2.50 -11.86
C GLU A 302 22.05 -3.30 -11.37
N LEU A 303 21.20 -2.66 -10.57
CA LEU A 303 20.14 -3.36 -9.85
C LEU A 303 18.84 -3.44 -10.64
N VAL A 307 11.20 -8.31 -8.15
CA VAL A 307 10.80 -9.24 -7.09
C VAL A 307 9.34 -9.06 -6.74
N GLU A 308 8.49 -9.97 -7.24
CA GLU A 308 7.08 -9.87 -6.93
C GLU A 308 6.79 -10.62 -5.65
N THR A 309 6.13 -9.95 -4.71
CA THR A 309 5.74 -10.59 -3.47
C THR A 309 4.27 -10.95 -3.58
N PRO A 310 3.83 -12.02 -2.89
CA PRO A 310 2.49 -12.54 -3.15
C PRO A 310 1.37 -11.78 -2.45
N VAL A 311 0.16 -11.98 -2.94
CA VAL A 311 -1.05 -11.46 -2.30
C VAL A 311 -2.08 -12.59 -2.16
N ASP A 312 -2.59 -12.81 -0.96
CA ASP A 312 -3.61 -13.84 -0.76
C ASP A 312 -4.91 -13.27 -0.25
N LEU A 313 -5.99 -13.84 -0.77
CA LEU A 313 -7.33 -13.52 -0.32
C LEU A 313 -7.52 -13.98 1.12
N VAL A 314 -8.13 -13.11 1.93
CA VAL A 314 -8.50 -13.44 3.30
C VAL A 314 -9.99 -13.21 3.50
N THR A 315 -10.67 -14.26 3.96
CA THR A 315 -12.08 -14.21 4.30
C THR A 315 -12.31 -14.81 5.69
OAC UNL B . -2.40 -0.70 1.36
CAH UNL B . -1.27 -0.30 2.14
CAF UNL B . -1.63 0.98 2.94
OAA UNL B . -2.92 0.77 3.61
CAD UNL B . -1.52 2.09 1.85
OAE UNL B . -0.55 1.57 0.81
CAG UNL B . -0.14 0.24 1.23
OAB UNL B . 0.12 -0.74 0.15
#